data_2CLA
#
_entry.id   2CLA
#
_cell.length_a   107.700
_cell.length_b   107.700
_cell.length_c   124.400
_cell.angle_alpha   90.00
_cell.angle_beta   90.00
_cell.angle_gamma   120.00
#
_symmetry.space_group_name_H-M   'H 3 2'
#
loop_
_entity.id
_entity.type
_entity.pdbx_description
1 polymer 'CHLORAMPHENICOL ACETYLTRANSFERASE'
2 non-polymer 'COBALT (II) ION'
3 water water
#
_entity_poly.entity_id   1
_entity_poly.type   'polypeptide(L)'
_entity_poly.pdbx_seq_one_letter_code
;MNYTKFDVKNWVRREHFEFYRHRLPCGFSLTSKIDITTLKKSLDDSAYKFYPVMIYLIAQAVNQFDELRMAIKDDELIVW
DSVDPQFTVFHQETETFSALSCPYSSDIDQFMVNYLSVMERYKSDTKLFPQGVTPENHLNISALPWVNFDSFNLNVANFT
DYFAPIITMAKYQQEGDRLLLPLSVQVHHAVCNGFHVARFINRLQELCNSKLK
;
_entity_poly.pdbx_strand_id   A
#
loop_
_chem_comp.id
_chem_comp.type
_chem_comp.name
_chem_comp.formula
CO non-polymer 'COBALT (II) ION' 'Co 2'
#
# COMPACT_ATOMS: atom_id res chain seq x y z
N MET A 1 8.14 5.20 -21.26
CA MET A 1 8.23 4.04 -20.41
C MET A 1 8.73 4.40 -19.00
N ASN A 2 7.73 4.32 -18.17
CA ASN A 2 7.69 4.48 -16.73
C ASN A 2 8.11 3.23 -15.94
N TYR A 3 8.84 2.33 -16.57
CA TYR A 3 9.45 1.16 -15.90
C TYR A 3 10.82 0.83 -16.51
N THR A 4 11.59 0.03 -15.86
CA THR A 4 12.87 -0.52 -16.39
C THR A 4 12.79 -2.05 -16.43
N LYS A 5 13.17 -2.69 -17.52
CA LYS A 5 13.14 -4.15 -17.69
C LYS A 5 14.29 -4.66 -16.81
N PHE A 6 13.89 -5.52 -15.92
CA PHE A 6 14.92 -6.03 -14.96
C PHE A 6 15.83 -7.12 -15.50
N ASP A 7 17.13 -6.95 -15.34
CA ASP A 7 18.25 -7.83 -15.71
C ASP A 7 18.16 -9.05 -14.75
N VAL A 8 17.38 -9.98 -15.18
CA VAL A 8 17.04 -11.19 -14.34
C VAL A 8 18.02 -12.30 -14.61
N LYS A 9 18.71 -12.13 -15.74
CA LYS A 9 19.73 -13.05 -16.29
C LYS A 9 20.90 -13.13 -15.29
N ASN A 10 21.23 -11.98 -14.82
CA ASN A 10 22.21 -11.53 -13.91
C ASN A 10 21.76 -11.26 -12.49
N TRP A 11 20.48 -11.41 -12.18
CA TRP A 11 20.02 -11.04 -10.85
C TRP A 11 20.46 -12.05 -9.80
N VAL A 12 20.90 -11.52 -8.68
CA VAL A 12 21.36 -12.32 -7.56
C VAL A 12 20.19 -13.10 -6.98
N ARG A 13 18.98 -12.63 -7.09
CA ARG A 13 17.81 -13.35 -6.53
C ARG A 13 17.09 -14.21 -7.52
N ARG A 14 17.73 -14.54 -8.58
CA ARG A 14 17.19 -15.31 -9.68
C ARG A 14 16.59 -16.67 -9.33
N GLU A 15 17.36 -17.44 -8.56
CA GLU A 15 16.91 -18.75 -8.15
C GLU A 15 15.68 -18.61 -7.24
N HIS A 16 15.72 -17.69 -6.34
CA HIS A 16 14.68 -17.38 -5.34
C HIS A 16 13.36 -17.04 -6.04
N PHE A 17 13.45 -16.15 -7.03
CA PHE A 17 12.30 -15.72 -7.82
C PHE A 17 11.63 -16.89 -8.48
N GLU A 18 12.35 -17.73 -9.20
CA GLU A 18 11.70 -18.88 -9.88
C GLU A 18 11.21 -19.93 -8.92
N PHE A 19 11.89 -20.12 -7.79
CA PHE A 19 11.40 -21.15 -6.80
C PHE A 19 10.01 -20.73 -6.29
N TYR A 20 9.91 -19.49 -5.77
CA TYR A 20 8.65 -18.99 -5.19
C TYR A 20 7.56 -18.54 -6.15
N ARG A 21 7.97 -18.49 -7.39
CA ARG A 21 7.06 -18.14 -8.45
C ARG A 21 6.46 -19.42 -9.08
N HIS A 22 7.32 -20.46 -9.21
CA HIS A 22 6.75 -21.59 -9.95
C HIS A 22 6.85 -22.91 -9.19
N ARG A 23 7.91 -23.12 -8.47
CA ARG A 23 8.22 -24.36 -7.71
C ARG A 23 7.23 -24.46 -6.52
N LEU A 24 7.23 -23.43 -5.69
CA LEU A 24 6.35 -23.37 -4.52
C LEU A 24 5.79 -21.96 -4.48
N PRO A 25 4.77 -21.72 -5.31
CA PRO A 25 4.13 -20.40 -5.40
C PRO A 25 3.73 -20.01 -4.00
N CYS A 26 4.14 -18.86 -3.52
CA CYS A 26 3.87 -18.61 -2.06
C CYS A 26 3.83 -17.10 -1.89
N GLY A 27 3.10 -16.66 -0.95
CA GLY A 27 2.98 -15.31 -0.44
C GLY A 27 2.72 -15.49 1.06
N PHE A 28 2.72 -14.33 1.72
CA PHE A 28 2.43 -14.43 3.20
C PHE A 28 1.83 -13.08 3.57
N SER A 29 1.25 -13.02 4.74
CA SER A 29 0.67 -11.77 5.27
C SER A 29 1.30 -11.69 6.67
N LEU A 30 1.41 -10.47 7.13
CA LEU A 30 1.90 -10.22 8.51
C LEU A 30 1.29 -8.87 8.95
N THR A 31 0.89 -8.87 10.19
CA THR A 31 0.28 -7.72 10.80
C THR A 31 1.22 -7.39 11.99
N SER A 32 1.48 -6.12 12.00
CA SER A 32 2.36 -5.42 12.92
C SER A 32 1.71 -4.13 13.38
N LYS A 33 2.15 -3.65 14.51
CA LYS A 33 1.55 -2.40 15.02
C LYS A 33 2.51 -1.24 14.97
N ILE A 34 2.05 -0.21 14.28
CA ILE A 34 2.83 1.01 13.99
C ILE A 34 2.53 2.01 15.08
N ASP A 35 3.56 2.51 15.70
CA ASP A 35 3.28 3.57 16.70
C ASP A 35 2.95 4.87 15.95
N ILE A 36 1.73 5.33 16.15
CA ILE A 36 1.39 6.62 15.42
C ILE A 36 1.18 7.71 16.42
N THR A 37 1.82 7.57 17.56
CA THR A 37 1.71 8.64 18.57
C THR A 37 2.20 9.96 17.96
N THR A 38 3.40 10.00 17.41
CA THR A 38 3.96 11.22 16.85
C THR A 38 3.07 11.77 15.73
N LEU A 39 2.65 10.82 14.90
CA LEU A 39 1.82 11.19 13.77
C LEU A 39 0.56 11.96 14.17
N LYS A 40 -0.04 11.55 15.27
CA LYS A 40 -1.31 12.12 15.73
C LYS A 40 -1.12 13.59 16.12
N LYS A 41 0.06 13.84 16.61
CA LYS A 41 0.50 15.14 17.06
C LYS A 41 0.68 16.05 15.85
N SER A 42 1.36 15.54 14.87
CA SER A 42 1.56 16.19 13.59
C SER A 42 0.25 16.52 12.93
N LEU A 43 -0.67 15.61 13.03
CA LEU A 43 -1.98 15.84 12.38
C LEU A 43 -2.70 17.01 13.08
N ASP A 44 -2.78 16.90 14.37
CA ASP A 44 -3.28 17.86 15.30
C ASP A 44 -2.78 19.30 14.99
N ASP A 45 -1.51 19.49 14.67
CA ASP A 45 -0.96 20.83 14.35
C ASP A 45 -1.11 21.04 12.87
N SER A 46 -2.14 20.45 12.29
CA SER A 46 -2.19 20.65 10.80
C SER A 46 -3.65 20.60 10.38
N ALA A 47 -3.90 20.58 9.08
CA ALA A 47 -5.30 20.46 8.64
C ALA A 47 -5.42 19.16 7.82
N TYR A 48 -4.38 18.31 7.86
CA TYR A 48 -4.40 17.04 7.16
C TYR A 48 -5.30 16.02 7.83
N LYS A 49 -5.92 15.16 7.00
CA LYS A 49 -6.74 14.08 7.61
C LYS A 49 -5.92 12.80 7.64
N PHE A 50 -6.31 11.94 8.57
CA PHE A 50 -5.70 10.63 8.79
C PHE A 50 -5.62 9.74 7.58
N TYR A 51 -6.70 9.30 7.01
CA TYR A 51 -6.70 8.37 5.87
C TYR A 51 -5.79 8.88 4.76
N PRO A 52 -6.02 10.10 4.27
CA PRO A 52 -5.13 10.77 3.32
C PRO A 52 -3.68 10.79 3.73
N VAL A 53 -3.30 11.16 4.91
CA VAL A 53 -1.82 11.04 5.22
C VAL A 53 -1.27 9.61 5.21
N MET A 54 -1.96 8.57 5.65
CA MET A 54 -1.50 7.15 5.70
C MET A 54 -1.29 6.69 4.27
N ILE A 55 -2.23 6.98 3.41
CA ILE A 55 -2.12 6.67 1.98
C ILE A 55 -0.78 7.17 1.43
N TYR A 56 -0.58 8.46 1.65
CA TYR A 56 0.60 9.22 1.18
C TYR A 56 1.87 8.60 1.71
N LEU A 57 1.86 8.30 3.00
CA LEU A 57 3.01 7.73 3.73
C LEU A 57 3.39 6.31 3.33
N ILE A 58 2.39 5.44 3.14
CA ILE A 58 2.55 4.13 2.60
C ILE A 58 3.03 4.22 1.14
N ALA A 59 2.38 5.03 0.30
CA ALA A 59 2.87 5.14 -1.11
C ALA A 59 4.31 5.67 -1.22
N GLN A 60 4.65 6.59 -0.33
CA GLN A 60 5.97 7.18 -0.23
C GLN A 60 6.97 6.10 0.07
N ALA A 61 6.78 5.18 1.00
CA ALA A 61 7.69 4.12 1.38
C ALA A 61 7.73 3.03 0.31
N VAL A 62 6.56 2.69 -0.21
CA VAL A 62 6.58 1.69 -1.30
C VAL A 62 7.46 2.21 -2.45
N ASN A 63 7.49 3.51 -2.74
CA ASN A 63 8.24 4.18 -3.75
C ASN A 63 9.71 4.37 -3.45
N GLN A 64 10.26 3.95 -2.37
CA GLN A 64 11.72 4.00 -2.08
C GLN A 64 12.35 2.62 -2.29
N PHE A 65 11.55 1.57 -2.31
CA PHE A 65 11.99 0.19 -2.52
C PHE A 65 11.46 -0.45 -3.80
N ASP A 66 12.40 -0.99 -4.61
CA ASP A 66 12.08 -1.53 -5.91
C ASP A 66 11.22 -2.74 -5.95
N GLU A 67 11.47 -3.69 -5.05
CA GLU A 67 10.85 -4.97 -4.82
C GLU A 67 9.37 -4.96 -4.49
N LEU A 68 8.85 -3.83 -4.08
CA LEU A 68 7.48 -3.49 -3.80
C LEU A 68 6.80 -2.83 -5.02
N ARG A 69 7.64 -2.61 -6.04
CA ARG A 69 7.20 -1.99 -7.29
C ARG A 69 7.39 -2.88 -8.48
N MET A 70 7.51 -4.17 -8.29
CA MET A 70 7.71 -5.18 -9.32
C MET A 70 6.42 -5.66 -9.96
N ALA A 71 6.61 -6.13 -11.19
CA ALA A 71 5.47 -6.69 -11.93
C ALA A 71 5.96 -7.46 -13.14
N ILE A 72 5.02 -8.14 -13.74
CA ILE A 72 5.22 -8.87 -14.98
C ILE A 72 4.48 -8.11 -16.08
N LYS A 73 5.17 -7.72 -17.13
CA LYS A 73 4.49 -7.01 -18.24
C LYS A 73 5.25 -7.53 -19.46
N ASP A 74 4.46 -8.18 -20.30
CA ASP A 74 5.00 -8.78 -21.53
C ASP A 74 5.69 -10.07 -21.11
N ASP A 75 5.16 -10.68 -20.05
CA ASP A 75 5.84 -11.91 -19.58
C ASP A 75 7.25 -11.42 -19.16
N GLU A 76 7.53 -10.11 -19.12
CA GLU A 76 8.89 -9.65 -18.64
C GLU A 76 8.70 -9.21 -17.16
N LEU A 77 9.71 -9.26 -16.32
CA LEU A 77 9.80 -8.82 -14.97
C LEU A 77 10.29 -7.34 -15.04
N ILE A 78 9.41 -6.49 -14.57
CA ILE A 78 9.69 -5.05 -14.56
C ILE A 78 9.71 -4.52 -13.17
N VAL A 79 10.17 -3.27 -13.13
CA VAL A 79 10.18 -2.43 -11.98
C VAL A 79 9.56 -1.08 -12.46
N TRP A 80 8.58 -0.65 -11.73
CA TRP A 80 7.89 0.61 -12.00
C TRP A 80 8.71 1.76 -11.46
N ASP A 81 8.84 2.80 -12.29
CA ASP A 81 9.57 3.94 -11.68
C ASP A 81 8.83 4.43 -10.44
N SER A 82 7.48 4.46 -10.59
CA SER A 82 6.70 4.97 -9.45
C SER A 82 5.35 4.31 -9.40
N VAL A 83 4.74 4.29 -8.23
CA VAL A 83 3.39 3.71 -8.11
C VAL A 83 2.43 4.69 -7.46
N ASP A 84 1.20 4.50 -7.90
CA ASP A 84 0.09 5.34 -7.42
C ASP A 84 -0.77 4.36 -6.61
N PRO A 85 -1.25 4.88 -5.54
CA PRO A 85 -2.08 4.10 -4.62
C PRO A 85 -3.52 3.97 -5.09
N GLN A 86 -4.09 2.81 -4.81
CA GLN A 86 -5.51 2.59 -5.12
C GLN A 86 -6.08 2.33 -3.73
N PHE A 87 -6.90 3.19 -3.27
CA PHE A 87 -7.36 3.06 -1.83
C PHE A 87 -8.84 2.75 -1.86
N THR A 88 -9.42 2.31 -0.73
CA THR A 88 -10.83 2.05 -0.70
C THR A 88 -11.59 3.20 -0.07
N VAL A 89 -12.83 3.38 -0.50
CA VAL A 89 -13.80 4.36 -0.03
C VAL A 89 -15.14 3.63 0.33
N PHE A 90 -15.54 3.90 1.58
CA PHE A 90 -16.79 3.30 2.03
C PHE A 90 -18.02 4.12 1.68
N HIS A 91 -19.01 3.40 1.12
CA HIS A 91 -20.30 4.01 0.78
C HIS A 91 -21.30 3.42 1.79
N GLN A 92 -21.74 4.36 2.59
CA GLN A 92 -22.63 4.18 3.73
C GLN A 92 -24.01 3.81 3.27
N GLU A 93 -24.43 4.35 2.14
CA GLU A 93 -25.76 4.01 1.64
C GLU A 93 -25.90 2.65 1.00
N THR A 94 -24.80 2.02 0.66
CA THR A 94 -24.97 0.73 -0.01
C THR A 94 -24.28 -0.40 0.69
N GLU A 95 -23.48 -0.06 1.66
CA GLU A 95 -22.64 -0.96 2.43
C GLU A 95 -21.55 -1.66 1.62
N THR A 96 -21.20 -1.06 0.48
CA THR A 96 -20.15 -1.58 -0.41
C THR A 96 -18.99 -0.60 -0.40
N PHE A 97 -17.87 -0.95 -0.97
CA PHE A 97 -16.64 -0.22 -1.05
C PHE A 97 -16.35 0.04 -2.54
N SER A 98 -15.75 1.19 -2.78
CA SER A 98 -15.31 1.51 -4.15
C SER A 98 -13.77 1.56 -3.98
N ALA A 99 -13.10 1.29 -5.02
CA ALA A 99 -11.63 1.42 -5.08
C ALA A 99 -11.31 2.64 -5.95
N LEU A 100 -10.57 3.58 -5.40
CA LEU A 100 -10.13 4.75 -6.13
C LEU A 100 -8.59 4.86 -6.14
N SER A 101 -8.05 5.64 -7.10
CA SER A 101 -6.62 5.90 -7.12
C SER A 101 -6.44 7.34 -7.52
N CYS A 102 -5.27 7.87 -7.37
CA CYS A 102 -4.83 9.19 -7.76
C CYS A 102 -3.31 9.14 -7.74
N PRO A 103 -2.79 10.11 -8.48
CA PRO A 103 -1.33 10.24 -8.67
C PRO A 103 -0.64 10.64 -7.39
N TYR A 104 0.45 9.90 -7.25
CA TYR A 104 1.40 10.04 -6.18
C TYR A 104 2.22 11.30 -6.43
N SER A 105 2.73 11.93 -5.38
CA SER A 105 3.52 13.16 -5.56
C SER A 105 4.38 13.20 -4.29
N SER A 106 5.57 13.61 -4.45
CA SER A 106 6.53 13.87 -3.38
C SER A 106 6.07 15.17 -2.68
N ASP A 107 5.25 15.97 -3.34
CA ASP A 107 4.79 17.15 -2.63
C ASP A 107 3.49 16.72 -1.92
N ILE A 108 3.47 16.64 -0.61
CA ILE A 108 2.21 16.24 0.08
C ILE A 108 1.01 17.13 -0.22
N ASP A 109 1.30 18.45 -0.36
CA ASP A 109 0.12 19.37 -0.55
C ASP A 109 -0.44 19.06 -1.91
N GLN A 110 0.42 18.72 -2.87
CA GLN A 110 -0.10 18.36 -4.21
C GLN A 110 -0.84 17.02 -4.18
N PHE A 111 -0.32 16.14 -3.31
CA PHE A 111 -0.97 14.85 -3.11
C PHE A 111 -2.43 15.13 -2.66
N MET A 112 -2.58 15.92 -1.62
CA MET A 112 -3.86 16.23 -0.99
C MET A 112 -4.90 16.83 -1.93
N VAL A 113 -4.42 17.68 -2.78
CA VAL A 113 -5.25 18.30 -3.80
C VAL A 113 -5.66 17.18 -4.75
N ASN A 114 -4.70 16.34 -5.17
CA ASN A 114 -5.12 15.20 -6.05
C ASN A 114 -6.22 14.30 -5.38
N TYR A 115 -6.03 13.96 -4.15
CA TYR A 115 -6.95 13.15 -3.34
C TYR A 115 -8.36 13.73 -3.21
N LEU A 116 -8.46 14.97 -2.74
CA LEU A 116 -9.74 15.70 -2.58
C LEU A 116 -10.48 15.81 -3.89
N SER A 117 -9.76 16.07 -4.97
CA SER A 117 -10.55 16.13 -6.22
C SER A 117 -11.09 14.79 -6.64
N VAL A 118 -10.35 13.72 -6.53
CA VAL A 118 -10.83 12.39 -6.94
C VAL A 118 -12.02 12.01 -6.03
N MET A 119 -11.90 12.43 -4.78
CA MET A 119 -12.94 12.16 -3.79
C MET A 119 -14.19 12.95 -4.16
N GLU A 120 -13.99 14.23 -4.53
CA GLU A 120 -15.16 15.08 -4.87
C GLU A 120 -15.90 14.52 -6.06
N ARG A 121 -15.14 14.33 -7.12
CA ARG A 121 -15.65 13.72 -8.34
C ARG A 121 -16.39 12.43 -8.15
N TYR A 122 -15.89 11.45 -7.40
CA TYR A 122 -16.52 10.13 -7.29
C TYR A 122 -17.17 9.75 -6.02
N LYS A 123 -17.46 10.67 -5.14
CA LYS A 123 -18.08 10.38 -3.86
C LYS A 123 -19.37 9.59 -3.87
N SER A 124 -20.23 9.83 -4.84
CA SER A 124 -21.56 9.19 -4.89
C SER A 124 -21.57 8.07 -5.90
N ASP A 125 -20.41 7.80 -6.46
CA ASP A 125 -20.29 6.69 -7.41
C ASP A 125 -19.96 5.36 -6.67
N THR A 126 -20.99 4.54 -6.54
CA THR A 126 -20.88 3.26 -5.90
C THR A 126 -20.47 2.19 -6.83
N LYS A 127 -20.02 2.54 -8.04
CA LYS A 127 -19.49 1.39 -8.89
C LYS A 127 -18.26 0.82 -8.17
N LEU A 128 -17.80 -0.35 -8.59
CA LEU A 128 -16.61 -0.86 -7.87
C LEU A 128 -15.34 -0.12 -8.26
N PHE A 129 -15.20 0.23 -9.47
CA PHE A 129 -14.07 0.93 -10.09
C PHE A 129 -14.67 2.11 -10.87
N PRO A 130 -15.01 3.13 -10.13
CA PRO A 130 -15.64 4.32 -10.69
C PRO A 130 -14.86 5.01 -11.78
N GLN A 131 -13.56 4.87 -11.81
CA GLN A 131 -12.67 5.54 -12.76
C GLN A 131 -12.36 4.59 -13.92
N GLY A 132 -12.86 3.38 -13.81
CA GLY A 132 -12.62 2.45 -14.91
C GLY A 132 -11.46 1.51 -14.59
N VAL A 133 -10.62 1.34 -15.58
CA VAL A 133 -9.42 0.48 -15.50
C VAL A 133 -8.39 0.93 -14.49
N THR A 134 -8.02 0.03 -13.60
CA THR A 134 -6.93 0.39 -12.63
C THR A 134 -5.58 0.49 -13.38
N PRO A 135 -4.90 1.54 -13.03
CA PRO A 135 -3.52 1.76 -13.54
C PRO A 135 -2.70 0.59 -13.07
N GLU A 136 -1.83 0.14 -13.94
CA GLU A 136 -0.99 -1.03 -13.66
C GLU A 136 0.03 -0.77 -12.57
N ASN A 137 0.54 0.42 -12.49
CA ASN A 137 1.57 0.81 -11.49
C ASN A 137 0.82 1.29 -10.26
N HIS A 138 0.38 0.26 -9.52
CA HIS A 138 -0.39 0.60 -8.29
C HIS A 138 0.03 -0.21 -7.08
N LEU A 139 -0.59 0.13 -5.93
CA LEU A 139 -0.51 -0.61 -4.68
C LEU A 139 -1.86 -0.67 -4.02
N ASN A 140 -2.34 -1.69 -3.30
CA ASN A 140 -3.70 -1.51 -2.76
C ASN A 140 -3.56 -1.15 -1.30
N ILE A 141 -4.41 -0.18 -0.94
CA ILE A 141 -4.51 0.35 0.39
C ILE A 141 -6.01 0.33 0.72
N SER A 142 -6.21 -0.07 1.98
CA SER A 142 -7.60 -0.19 2.45
C SER A 142 -7.56 0.02 3.94
N ALA A 143 -8.77 0.34 4.44
CA ALA A 143 -8.87 0.65 5.87
C ALA A 143 -10.17 0.12 6.43
N LEU A 144 -10.09 -0.46 7.57
CA LEU A 144 -11.28 -1.00 8.28
C LEU A 144 -11.32 -0.16 9.55
N PRO A 145 -11.90 1.05 9.50
CA PRO A 145 -11.92 1.94 10.66
C PRO A 145 -12.73 1.62 11.86
N TRP A 146 -13.67 0.74 11.72
CA TRP A 146 -14.68 0.37 12.71
C TRP A 146 -14.31 -0.65 13.72
N VAL A 147 -13.20 -1.34 13.49
CA VAL A 147 -12.76 -2.43 14.36
C VAL A 147 -11.23 -2.54 14.36
N ASN A 148 -10.73 -2.85 15.52
CA ASN A 148 -9.31 -3.08 15.80
C ASN A 148 -9.05 -4.57 15.56
N PHE A 149 -7.91 -4.90 14.99
CA PHE A 149 -7.64 -6.31 14.61
C PHE A 149 -6.18 -6.52 14.97
N ASP A 150 -5.83 -7.74 15.27
CA ASP A 150 -4.44 -8.09 15.63
C ASP A 150 -3.86 -8.84 14.40
N SER A 151 -4.81 -9.29 13.63
CA SER A 151 -4.54 -10.04 12.44
C SER A 151 -5.59 -9.77 11.36
N PHE A 152 -5.11 -9.91 10.15
CA PHE A 152 -5.97 -9.82 8.96
C PHE A 152 -5.31 -10.67 7.86
N ASN A 153 -6.05 -11.36 7.08
CA ASN A 153 -5.41 -12.08 5.96
C ASN A 153 -6.39 -12.37 4.84
N LEU A 154 -5.90 -12.12 3.64
CA LEU A 154 -6.76 -12.38 2.48
C LEU A 154 -6.58 -13.79 1.98
N ASN A 155 -7.69 -14.42 1.71
CA ASN A 155 -7.58 -15.80 1.17
C ASN A 155 -8.09 -15.65 -0.28
N VAL A 156 -7.11 -15.64 -1.14
CA VAL A 156 -7.30 -15.52 -2.58
C VAL A 156 -6.93 -16.81 -3.31
N ALA A 157 -7.90 -17.38 -3.97
CA ALA A 157 -7.94 -18.56 -4.78
C ALA A 157 -6.69 -18.69 -5.63
N ASN A 158 -6.50 -17.82 -6.58
CA ASN A 158 -5.34 -17.81 -7.46
C ASN A 158 -4.59 -16.49 -7.30
N PHE A 159 -3.26 -16.52 -7.25
CA PHE A 159 -2.47 -15.28 -7.07
C PHE A 159 -1.32 -15.10 -8.06
N THR A 160 -1.34 -15.91 -9.10
CA THR A 160 -0.32 -15.95 -10.13
C THR A 160 0.19 -14.55 -10.47
N ASP A 161 1.48 -14.37 -10.44
CA ASP A 161 2.26 -13.19 -10.87
C ASP A 161 1.69 -11.84 -10.51
N TYR A 162 1.02 -11.75 -9.38
CA TYR A 162 0.44 -10.52 -8.86
C TYR A 162 1.36 -10.15 -7.68
N PHE A 163 2.17 -9.16 -7.99
CA PHE A 163 3.25 -8.72 -7.12
C PHE A 163 2.97 -7.42 -6.45
N ALA A 164 1.84 -6.79 -6.61
CA ALA A 164 1.60 -5.53 -5.92
C ALA A 164 1.21 -5.83 -4.47
N PRO A 165 1.87 -5.09 -3.59
CA PRO A 165 1.58 -5.18 -2.16
C PRO A 165 0.13 -4.77 -1.87
N ILE A 166 -0.53 -5.43 -0.96
CA ILE A 166 -1.87 -5.15 -0.47
C ILE A 166 -1.63 -4.75 0.98
N ILE A 167 -1.96 -3.64 1.46
CA ILE A 167 -1.84 -3.06 2.78
C ILE A 167 -3.24 -2.73 3.34
N THR A 168 -3.52 -3.19 4.55
CA THR A 168 -4.78 -2.99 5.23
C THR A 168 -4.59 -2.38 6.61
N MET A 169 -5.37 -1.35 6.93
CA MET A 169 -5.21 -0.76 8.26
C MET A 169 -6.50 -1.06 9.03
N ALA A 170 -6.38 -1.07 10.34
CA ALA A 170 -7.50 -1.28 11.27
C ALA A 170 -7.67 0.02 12.08
N LYS A 171 -8.59 -0.05 13.06
CA LYS A 171 -8.81 1.13 13.92
C LYS A 171 -7.63 1.18 14.87
N TYR A 172 -7.05 2.35 15.08
CA TYR A 172 -5.95 2.41 16.05
C TYR A 172 -6.50 2.23 17.44
N GLN A 173 -5.62 2.18 18.43
CA GLN A 173 -6.09 2.12 19.82
C GLN A 173 -4.98 2.57 20.74
N GLN A 174 -5.35 2.99 21.91
CA GLN A 174 -4.46 3.44 22.98
C GLN A 174 -3.95 2.23 23.75
N GLU A 175 -2.65 1.98 23.62
CA GLU A 175 -1.97 0.80 24.22
C GLU A 175 -0.99 1.52 25.16
N GLY A 176 -1.58 1.86 26.26
CA GLY A 176 -0.98 2.57 27.37
C GLY A 176 -0.84 4.06 27.04
N ASP A 177 0.42 4.38 26.74
CA ASP A 177 0.84 5.78 26.44
C ASP A 177 1.02 5.91 24.95
N ARG A 178 0.93 4.80 24.25
CA ARG A 178 1.12 4.80 22.80
C ARG A 178 -0.19 4.62 22.09
N LEU A 179 -0.19 5.19 20.89
CA LEU A 179 -1.35 5.01 19.96
C LEU A 179 -0.78 4.10 18.87
N LEU A 180 -1.35 2.94 18.65
CA LEU A 180 -0.81 1.98 17.68
C LEU A 180 -1.75 1.67 16.56
N LEU A 181 -1.21 1.39 15.40
CA LEU A 181 -2.08 1.08 14.27
C LEU A 181 -1.73 -0.26 13.71
N PRO A 182 -2.66 -1.19 13.76
CA PRO A 182 -2.45 -2.51 13.17
C PRO A 182 -2.43 -2.29 11.68
N LEU A 183 -1.44 -2.73 11.06
CA LEU A 183 -1.24 -2.68 9.62
C LEU A 183 -0.85 -4.08 9.14
N SER A 184 -1.62 -4.60 8.23
CA SER A 184 -1.43 -5.89 7.58
C SER A 184 -0.77 -5.65 6.22
N VAL A 185 0.29 -6.42 5.98
CA VAL A 185 1.04 -6.38 4.74
C VAL A 185 0.96 -7.84 4.21
N GLN A 186 0.52 -7.89 2.99
CA GLN A 186 0.42 -9.10 2.20
C GLN A 186 1.19 -9.05 0.89
N VAL A 187 2.14 -9.93 0.64
CA VAL A 187 2.94 -9.85 -0.61
C VAL A 187 3.20 -11.22 -1.17
N HIS A 188 3.76 -11.26 -2.35
CA HIS A 188 4.19 -12.53 -3.02
C HIS A 188 5.65 -12.81 -2.68
N HIS A 189 6.04 -14.04 -2.48
CA HIS A 189 7.40 -14.40 -2.02
C HIS A 189 8.47 -14.43 -3.08
N ALA A 190 8.04 -14.39 -4.32
CA ALA A 190 8.86 -14.38 -5.50
C ALA A 190 9.72 -13.11 -5.60
N VAL A 191 9.16 -12.00 -5.16
CA VAL A 191 9.77 -10.67 -5.22
C VAL A 191 10.09 -10.09 -3.86
N CYS A 192 9.36 -10.48 -2.83
CA CYS A 192 9.53 -9.93 -1.51
C CYS A 192 9.61 -11.03 -0.43
N ASN A 193 10.57 -10.82 0.45
CA ASN A 193 10.75 -11.74 1.56
C ASN A 193 10.46 -10.95 2.85
N GLY A 194 10.61 -11.72 3.94
CA GLY A 194 10.39 -11.23 5.28
C GLY A 194 11.27 -10.06 5.58
N PHE A 195 12.49 -9.98 5.07
CA PHE A 195 13.44 -8.88 5.28
C PHE A 195 12.86 -7.57 4.67
N HIS A 196 12.43 -7.67 3.43
CA HIS A 196 11.85 -6.59 2.63
C HIS A 196 10.54 -6.10 3.24
N VAL A 197 9.73 -7.01 3.80
CA VAL A 197 8.51 -6.50 4.47
C VAL A 197 8.92 -5.73 5.71
N ALA A 198 9.82 -6.29 6.50
CA ALA A 198 10.30 -5.62 7.72
C ALA A 198 10.93 -4.25 7.40
N ARG A 199 11.68 -4.23 6.31
CA ARG A 199 12.34 -2.98 5.91
C ARG A 199 11.31 -1.92 5.53
N PHE A 200 10.20 -2.29 4.94
CA PHE A 200 9.10 -1.34 4.59
C PHE A 200 8.44 -0.78 5.84
N ILE A 201 8.19 -1.64 6.81
CA ILE A 201 7.51 -1.33 8.06
C ILE A 201 8.44 -0.46 8.90
N ASN A 202 9.71 -0.80 9.01
CA ASN A 202 10.66 0.05 9.73
C ASN A 202 10.68 1.42 9.03
N ARG A 203 10.68 1.51 7.74
CA ARG A 203 10.68 2.79 7.02
C ARG A 203 9.37 3.60 7.24
N LEU A 204 8.24 2.90 7.20
CA LEU A 204 6.97 3.59 7.42
C LEU A 204 6.90 4.18 8.80
N GLN A 205 7.36 3.44 9.79
CA GLN A 205 7.42 3.88 11.20
C GLN A 205 8.27 5.16 11.36
N GLU A 206 9.41 5.19 10.66
CA GLU A 206 10.36 6.33 10.64
C GLU A 206 9.55 7.54 10.16
N LEU A 207 8.89 7.38 9.02
CA LEU A 207 8.13 8.40 8.36
C LEU A 207 7.00 8.88 9.24
N CYS A 208 6.36 7.98 9.98
CA CYS A 208 5.27 8.43 10.88
C CYS A 208 5.79 9.36 11.96
N ASN A 209 7.03 9.26 12.33
CA ASN A 209 7.77 9.93 13.33
C ASN A 209 8.52 11.19 12.80
N SER A 210 8.27 11.54 11.58
CA SER A 210 8.98 12.70 11.00
C SER A 210 8.01 13.78 10.61
N LYS A 211 8.52 14.95 10.27
CA LYS A 211 7.66 16.05 9.86
C LYS A 211 7.00 15.68 8.56
N LEU A 212 5.82 16.21 8.39
CA LEU A 212 5.13 15.98 7.11
C LEU A 212 5.72 16.80 5.99
N LYS A 213 5.99 18.07 6.26
CA LYS A 213 6.51 19.03 5.24
C LYS A 213 7.32 20.16 5.88
CO CO B . 9.56 -21.60 -14.14
CO CO C . 12.06 6.96 -7.22
#